data_7V8E
#
_entry.id   7V8E
#
_cell.length_a   31.809
_cell.length_b   142.684
_cell.length_c   68.598
_cell.angle_alpha   90.000
_cell.angle_beta   94.035
_cell.angle_gamma   90.000
#
_symmetry.space_group_name_H-M   'P 1 21 1'
#
loop_
_entity.id
_entity.type
_entity.pdbx_description
1 polymer 'RING-type E3 ubiquitin transferase'
2 polymer 'RanBP-type and C3HC4-type zinc finger-containing protein 1'
3 water water
#
loop_
_entity_poly.entity_id
_entity_poly.type
_entity_poly.pdbx_seq_one_letter_code
_entity_poly.pdbx_strand_id
1 'polypeptide(L)'
;GPGSNEFYLKTWSEWEKNGTPGEQRNIAFNRLKICLQNQEAELNLSELDLKTLPDLPPQITTLEIRKNLLTHLPDLPPML
KVIHAQFNQLESLPALPETLEELNAGDNKIKELPFLPENLTHLRVHNNRLHILPLLPPELKLLVVSGNRLDSIPPFPDKL
EGLALANNFIEQLPELPFSMNRAVLMNNNLTTLPESVLRLAQNAFVNVAGNPLSGHTMRTLQQITTGPDYSGPRIFFSMG
;
B,A
2 'polypeptide(L)'
;GPGSEFQDIRLWVSVEDAQMHTVTIWLTVRPDMTVASLKDMVFLDYGFPPVLQQWVIGQRLARDQETLHSHGVRQNGDSA
YLYLLSARN
;
C,D
#
# COMPACT_ATOMS: atom_id res chain seq x y z
N GLY A 3 15.58 -18.84 24.56
CA GLY A 3 16.25 -19.80 23.69
C GLY A 3 15.35 -20.23 22.56
N SER A 4 14.06 -20.42 22.88
CA SER A 4 13.08 -20.54 21.80
C SER A 4 12.98 -19.24 21.02
N ASN A 5 13.02 -18.10 21.72
CA ASN A 5 12.88 -16.81 21.06
C ASN A 5 14.03 -16.53 20.11
N GLU A 6 15.23 -16.99 20.45
CA GLU A 6 16.40 -16.75 19.60
C GLU A 6 16.26 -17.44 18.25
N PHE A 7 15.72 -18.66 18.26
CA PHE A 7 15.45 -19.34 17.00
C PHE A 7 14.56 -18.47 16.10
N TYR A 8 13.47 -17.95 16.66
CA TYR A 8 12.55 -17.15 15.86
C TYR A 8 13.21 -15.84 15.43
N LEU A 9 13.77 -15.09 16.38
CA LEU A 9 14.40 -13.82 16.03
C LEU A 9 15.48 -14.05 14.97
N LYS A 10 16.21 -15.16 15.08
CA LYS A 10 17.23 -15.43 14.10
C LYS A 10 16.59 -15.66 12.72
N THR A 11 15.61 -16.55 12.63
CA THR A 11 14.95 -16.85 11.35
C THR A 11 14.37 -15.60 10.71
N TRP A 12 13.63 -14.81 11.50
CA TRP A 12 13.00 -13.60 10.98
C TRP A 12 14.07 -12.62 10.53
N SER A 13 15.19 -12.58 11.27
CA SER A 13 16.35 -11.76 10.91
C SER A 13 16.90 -12.13 9.54
N GLU A 14 17.11 -13.43 9.35
CA GLU A 14 17.58 -13.93 8.08
C GLU A 14 16.56 -13.74 6.98
N TRP A 15 15.27 -13.91 7.29
CA TRP A 15 14.25 -13.74 6.27
C TRP A 15 14.13 -12.29 5.83
N GLU A 16 14.27 -11.34 6.79
CA GLU A 16 14.13 -9.92 6.48
C GLU A 16 15.11 -9.44 5.40
N LYS A 17 16.29 -10.05 5.30
CA LYS A 17 17.32 -9.56 4.40
C LYS A 17 17.26 -10.19 3.02
N ASN A 18 16.36 -11.15 2.80
CA ASN A 18 16.38 -11.95 1.58
C ASN A 18 15.15 -11.73 0.70
N GLY A 19 14.46 -10.61 0.86
CA GLY A 19 13.31 -10.31 0.03
C GLY A 19 13.69 -9.47 -1.17
N THR A 20 12.70 -9.22 -2.00
CA THR A 20 12.88 -8.25 -3.06
C THR A 20 12.54 -6.86 -2.55
N PRO A 21 13.02 -5.80 -3.21
CA PRO A 21 12.89 -4.46 -2.60
C PRO A 21 11.46 -3.97 -2.44
N GLY A 22 10.49 -4.52 -3.16
CA GLY A 22 9.11 -4.14 -2.94
C GLY A 22 8.55 -4.70 -1.65
N GLU A 23 9.08 -5.83 -1.21
CA GLU A 23 8.58 -6.48 0.00
C GLU A 23 8.88 -5.64 1.23
N GLN A 24 7.85 -5.44 2.07
CA GLN A 24 8.02 -4.66 3.30
C GLN A 24 8.43 -5.58 4.46
N ARG A 25 9.58 -6.22 4.25
CA ARG A 25 10.11 -7.20 5.20
C ARG A 25 10.48 -6.56 6.53
N ASN A 26 10.98 -5.33 6.50
CA ASN A 26 11.41 -4.67 7.73
C ASN A 26 10.22 -4.42 8.66
N ILE A 27 9.11 -3.94 8.11
CA ILE A 27 7.91 -3.77 8.91
C ILE A 27 7.37 -5.10 9.41
N ALA A 28 7.44 -6.14 8.57
CA ALA A 28 7.00 -7.47 9.00
C ALA A 28 7.85 -7.97 10.15
N PHE A 29 9.17 -7.88 10.01
CA PHE A 29 10.05 -8.32 11.09
C PHE A 29 9.67 -7.67 12.42
N ASN A 30 9.40 -6.35 12.40
CA ASN A 30 9.06 -5.68 13.65
C ASN A 30 7.75 -6.17 14.24
N ARG A 31 6.74 -6.39 13.40
CA ARG A 31 5.46 -6.89 13.91
C ARG A 31 5.61 -8.29 14.48
N LEU A 32 6.33 -9.18 13.77
CA LEU A 32 6.57 -10.52 14.30
C LEU A 32 7.25 -10.46 15.65
N LYS A 33 8.21 -9.54 15.79
CA LYS A 33 8.93 -9.35 17.04
C LYS A 33 7.99 -8.93 18.16
N ILE A 34 7.22 -7.86 17.93
CA ILE A 34 6.23 -7.41 18.91
C ILE A 34 5.26 -8.54 19.23
N CYS A 35 4.85 -9.28 18.21
CA CYS A 35 3.90 -10.38 18.41
C CYS A 35 4.47 -11.44 19.34
N LEU A 36 5.68 -11.92 19.03
CA LEU A 36 6.28 -12.98 19.83
C LEU A 36 6.61 -12.49 21.23
N GLN A 37 7.19 -11.29 21.34
CA GLN A 37 7.65 -10.83 22.64
C GLN A 37 6.50 -10.40 23.54
N ASN A 38 5.43 -9.84 22.99
CA ASN A 38 4.23 -9.59 23.79
C ASN A 38 3.34 -10.81 23.89
N GLN A 39 3.71 -11.93 23.24
CA GLN A 39 2.87 -13.12 23.15
C GLN A 39 1.46 -12.75 22.67
N GLU A 40 1.43 -12.03 21.54
CA GLU A 40 0.21 -11.45 21.02
C GLU A 40 -0.69 -12.51 20.37
N ALA A 41 -2.01 -12.30 20.49
CA ALA A 41 -2.99 -13.24 19.94
C ALA A 41 -3.12 -13.15 18.43
N GLU A 42 -2.95 -11.95 17.85
CA GLU A 42 -3.10 -11.75 16.41
C GLU A 42 -1.80 -11.27 15.80
N LEU A 43 -1.41 -11.89 14.69
CA LEU A 43 -0.35 -11.39 13.84
C LEU A 43 -1.02 -10.77 12.61
N ASN A 44 -0.73 -9.49 12.36
CA ASN A 44 -1.29 -8.77 11.22
C ASN A 44 -0.14 -8.35 10.33
N LEU A 45 0.08 -9.13 9.26
CA LEU A 45 1.04 -8.79 8.21
C LEU A 45 0.34 -8.42 6.92
N SER A 46 -0.89 -7.95 7.00
CA SER A 46 -1.68 -7.66 5.81
C SER A 46 -1.14 -6.42 5.11
N GLU A 47 -1.19 -6.44 3.78
CA GLU A 47 -0.88 -5.27 2.97
C GLU A 47 0.57 -4.82 3.17
N LEU A 48 1.48 -5.80 3.20
CA LEU A 48 2.91 -5.54 3.31
C LEU A 48 3.69 -6.08 2.12
N ASP A 49 2.99 -6.38 1.02
CA ASP A 49 3.60 -6.78 -0.24
C ASP A 49 4.53 -7.98 -0.10
N LEU A 50 4.21 -8.91 0.81
CA LEU A 50 5.09 -10.03 1.09
C LEU A 50 4.93 -11.16 0.08
N LYS A 51 6.07 -11.77 -0.29
CA LYS A 51 6.07 -12.91 -1.21
C LYS A 51 6.24 -14.26 -0.52
N THR A 52 6.82 -14.30 0.68
CA THR A 52 6.79 -15.47 1.54
C THR A 52 6.62 -15.02 2.99
N LEU A 53 6.25 -15.96 3.84
CA LEU A 53 6.25 -15.72 5.27
C LEU A 53 7.21 -16.69 5.93
N PRO A 54 7.86 -16.28 7.03
CA PRO A 54 8.71 -17.23 7.77
C PRO A 54 7.90 -18.02 8.79
N ASP A 55 8.59 -18.79 9.63
CA ASP A 55 7.96 -19.51 10.72
C ASP A 55 7.11 -18.58 11.56
N LEU A 56 5.98 -19.03 11.94
CA LEU A 56 5.08 -18.06 12.54
C LEU A 56 5.07 -18.19 14.05
N PRO A 57 4.79 -17.10 14.77
CA PRO A 57 4.70 -17.17 16.24
C PRO A 57 3.68 -18.21 16.66
N PRO A 58 4.06 -19.15 17.54
CA PRO A 58 3.22 -20.34 17.77
C PRO A 58 1.98 -20.11 18.62
N GLN A 59 1.84 -18.94 19.25
CA GLN A 59 0.75 -18.71 20.20
C GLN A 59 -0.45 -18.00 19.58
N ILE A 60 -0.37 -17.63 18.30
CA ILE A 60 -1.42 -16.79 17.72
C ILE A 60 -2.69 -17.58 17.48
N THR A 61 -3.83 -16.92 17.69
CA THR A 61 -5.13 -17.45 17.31
C THR A 61 -5.74 -16.80 16.08
N THR A 62 -5.25 -15.64 15.66
CA THR A 62 -5.70 -15.01 14.41
C THR A 62 -4.47 -14.75 13.55
N LEU A 63 -4.55 -15.15 12.29
CA LEU A 63 -3.49 -14.87 11.32
C LEU A 63 -4.10 -13.96 10.25
N GLU A 64 -3.68 -12.71 10.22
CA GLU A 64 -4.26 -11.72 9.33
C GLU A 64 -3.16 -11.37 8.34
N ILE A 65 -3.23 -11.97 7.15
CA ILE A 65 -2.22 -11.83 6.10
C ILE A 65 -2.84 -11.49 4.75
N ARG A 66 -4.03 -10.90 4.76
CA ARG A 66 -4.69 -10.59 3.50
C ARG A 66 -3.89 -9.56 2.69
N LYS A 67 -4.11 -9.58 1.37
CA LYS A 67 -3.55 -8.61 0.43
C LYS A 67 -2.01 -8.56 0.51
N ASN A 68 -1.40 -9.71 0.23
CA ASN A 68 0.05 -9.81 0.06
C ASN A 68 0.26 -10.47 -1.30
N LEU A 69 1.43 -11.09 -1.50
CA LEU A 69 1.74 -11.79 -2.73
C LEU A 69 2.15 -13.25 -2.46
N LEU A 70 1.58 -13.85 -1.43
CA LEU A 70 2.04 -15.17 -0.99
C LEU A 70 1.58 -16.26 -1.95
N THR A 71 2.48 -17.20 -2.24
CA THR A 71 2.12 -18.36 -3.06
C THR A 71 1.97 -19.62 -2.22
N HIS A 72 2.62 -19.67 -1.07
CA HIS A 72 2.47 -20.74 -0.09
C HIS A 72 2.49 -20.13 1.30
N LEU A 73 2.01 -20.92 2.25
CA LEU A 73 2.12 -20.52 3.64
C LEU A 73 3.08 -21.47 4.37
N PRO A 74 3.75 -20.98 5.44
CA PRO A 74 4.49 -21.88 6.33
C PRO A 74 3.52 -22.69 7.18
N ASP A 75 4.02 -23.63 7.98
CA ASP A 75 3.12 -24.44 8.79
C ASP A 75 2.28 -23.57 9.71
N LEU A 76 1.03 -23.95 9.86
CA LEU A 76 0.12 -23.09 10.59
C LEU A 76 0.16 -23.43 12.07
N PRO A 77 0.36 -22.44 12.93
CA PRO A 77 0.48 -22.68 14.36
C PRO A 77 -0.77 -23.35 14.92
N PRO A 78 -0.60 -24.26 15.88
CA PRO A 78 -1.65 -25.22 16.23
C PRO A 78 -2.74 -24.68 17.14
N MET A 79 -2.77 -23.39 17.47
CA MET A 79 -3.92 -22.81 18.17
C MET A 79 -4.71 -21.85 17.30
N LEU A 80 -4.38 -21.71 16.01
CA LEU A 80 -5.07 -20.74 15.15
C LEU A 80 -6.56 -21.04 15.08
N LYS A 81 -7.36 -20.00 15.25
CA LYS A 81 -8.82 -20.07 15.09
C LYS A 81 -9.32 -19.36 13.85
N VAL A 82 -8.64 -18.32 13.40
CA VAL A 82 -9.10 -17.49 12.28
C VAL A 82 -7.92 -17.24 11.36
N ILE A 83 -8.10 -17.52 10.08
CA ILE A 83 -7.11 -17.19 9.05
C ILE A 83 -7.78 -16.27 8.02
N HIS A 84 -7.21 -15.08 7.83
CA HIS A 84 -7.64 -14.17 6.75
C HIS A 84 -6.49 -14.15 5.76
N ALA A 85 -6.61 -14.92 4.69
CA ALA A 85 -5.55 -15.02 3.69
C ALA A 85 -6.02 -14.58 2.30
N GLN A 86 -7.12 -13.84 2.24
CA GLN A 86 -7.68 -13.50 0.93
C GLN A 86 -6.80 -12.48 0.22
N PHE A 87 -6.90 -12.45 -1.11
CA PHE A 87 -6.13 -11.57 -1.98
C PHE A 87 -4.62 -11.83 -1.84
N ASN A 88 -4.23 -13.07 -2.09
CA ASN A 88 -2.82 -13.42 -2.24
C ASN A 88 -2.68 -14.11 -3.59
N GLN A 89 -1.62 -14.91 -3.75
CA GLN A 89 -1.44 -15.73 -4.94
C GLN A 89 -1.29 -17.20 -4.58
N LEU A 90 -1.97 -17.64 -3.53
CA LEU A 90 -1.76 -18.98 -2.98
C LEU A 90 -2.17 -20.06 -3.97
N GLU A 91 -1.28 -21.05 -4.13
CA GLU A 91 -1.55 -22.22 -4.95
C GLU A 91 -2.07 -23.41 -4.14
N SER A 92 -1.87 -23.39 -2.83
CA SER A 92 -2.33 -24.44 -1.94
C SER A 92 -2.28 -23.88 -0.53
N LEU A 93 -2.87 -24.64 0.39
CA LEU A 93 -2.79 -24.34 1.81
C LEU A 93 -2.15 -25.52 2.53
N PRO A 94 -1.38 -25.27 3.61
CA PRO A 94 -0.82 -26.40 4.37
C PRO A 94 -1.89 -27.07 5.19
N ALA A 95 -1.53 -28.14 5.89
CA ALA A 95 -2.50 -28.82 6.75
C ALA A 95 -3.09 -27.86 7.78
N LEU A 96 -4.43 -27.93 7.96
CA LEU A 96 -5.18 -26.97 8.74
C LEU A 96 -5.26 -27.39 10.20
N PRO A 97 -5.04 -26.49 11.15
CA PRO A 97 -5.07 -26.86 12.56
C PRO A 97 -6.46 -27.24 13.02
N GLU A 98 -6.51 -28.16 13.98
CA GLU A 98 -7.80 -28.67 14.43
C GLU A 98 -8.62 -27.59 15.11
N THR A 99 -7.98 -26.56 15.66
CA THR A 99 -8.70 -25.45 16.28
C THR A 99 -9.31 -24.49 15.25
N LEU A 100 -9.01 -24.65 13.95
CA LEU A 100 -9.40 -23.66 12.96
C LEU A 100 -10.92 -23.55 12.87
N GLU A 101 -11.42 -22.31 12.97
CA GLU A 101 -12.85 -22.07 12.88
C GLU A 101 -13.26 -21.26 11.66
N GLU A 102 -12.48 -20.26 11.27
CA GLU A 102 -12.76 -19.43 10.11
C GLU A 102 -11.57 -19.41 9.19
N LEU A 103 -11.78 -19.80 7.93
CA LEU A 103 -10.74 -19.74 6.90
C LEU A 103 -11.26 -18.92 5.73
N ASN A 104 -10.62 -17.77 5.48
CA ASN A 104 -10.91 -16.97 4.28
C ASN A 104 -9.66 -16.99 3.42
N ALA A 105 -9.75 -17.66 2.29
CA ALA A 105 -8.67 -17.65 1.32
C ALA A 105 -9.21 -17.28 -0.06
N GLY A 106 -10.25 -16.43 -0.09
CA GLY A 106 -10.78 -15.96 -1.35
C GLY A 106 -9.75 -15.19 -2.16
N ASP A 107 -9.95 -15.17 -3.49
CA ASP A 107 -9.08 -14.46 -4.41
C ASP A 107 -7.64 -14.93 -4.28
N ASN A 108 -7.45 -16.22 -4.57
CA ASN A 108 -6.15 -16.83 -4.67
C ASN A 108 -6.17 -17.68 -5.92
N LYS A 109 -5.29 -18.67 -5.98
CA LYS A 109 -5.16 -19.56 -7.14
C LYS A 109 -5.22 -21.02 -6.72
N ILE A 110 -5.97 -21.31 -5.66
CA ILE A 110 -5.90 -22.61 -4.99
C ILE A 110 -6.59 -23.66 -5.84
N LYS A 111 -5.89 -24.77 -6.05
CA LYS A 111 -6.36 -25.84 -6.93
C LYS A 111 -7.11 -26.93 -6.18
N GLU A 112 -6.73 -27.23 -4.94
CA GLU A 112 -7.46 -28.16 -4.09
C GLU A 112 -7.27 -27.73 -2.65
N LEU A 113 -8.22 -28.05 -1.83
CA LEU A 113 -8.08 -27.74 -0.42
C LEU A 113 -7.62 -28.96 0.36
N PRO A 114 -6.92 -28.76 1.48
CA PRO A 114 -6.59 -29.88 2.35
C PRO A 114 -7.81 -30.34 3.16
N PHE A 115 -7.68 -31.40 3.96
CA PHE A 115 -8.75 -31.83 4.87
C PHE A 115 -9.29 -30.64 5.64
N LEU A 116 -10.60 -30.56 5.77
CA LEU A 116 -11.23 -29.51 6.55
C LEU A 116 -11.48 -30.00 7.97
N PRO A 117 -10.95 -29.34 9.00
CA PRO A 117 -11.04 -29.87 10.36
C PRO A 117 -12.45 -29.73 10.94
N GLU A 118 -12.71 -30.50 12.01
CA GLU A 118 -14.07 -30.74 12.46
C GLU A 118 -14.72 -29.53 13.14
N ASN A 119 -13.92 -28.55 13.56
CA ASN A 119 -14.45 -27.37 14.22
C ASN A 119 -14.71 -26.19 13.28
N LEU A 120 -14.49 -26.36 11.98
CA LEU A 120 -14.63 -25.26 11.04
C LEU A 120 -16.09 -24.83 10.91
N THR A 121 -16.35 -23.53 11.01
CA THR A 121 -17.70 -23.01 10.86
C THR A 121 -17.89 -22.10 9.65
N HIS A 122 -16.82 -21.45 9.18
CA HIS A 122 -16.90 -20.51 8.07
C HIS A 122 -15.80 -20.80 7.08
N LEU A 123 -16.17 -21.12 5.84
CA LEU A 123 -15.20 -21.37 4.78
C LEU A 123 -15.52 -20.44 3.61
N ARG A 124 -14.60 -19.52 3.32
CA ARG A 124 -14.74 -18.53 2.25
C ARG A 124 -13.57 -18.71 1.28
N VAL A 125 -13.80 -19.41 0.16
CA VAL A 125 -12.70 -19.67 -0.75
C VAL A 125 -13.16 -19.35 -2.17
N HIS A 126 -13.94 -18.28 -2.30
CA HIS A 126 -14.38 -17.78 -3.59
C HIS A 126 -13.20 -17.30 -4.43
N ASN A 127 -13.40 -17.30 -5.75
CA ASN A 127 -12.36 -16.84 -6.69
C ASN A 127 -11.03 -17.58 -6.50
N ASN A 128 -11.13 -18.90 -6.69
CA ASN A 128 -9.96 -19.76 -6.71
C ASN A 128 -10.07 -20.65 -7.95
N ARG A 129 -9.40 -21.80 -7.90
CA ARG A 129 -9.34 -22.70 -9.04
C ARG A 129 -9.79 -24.10 -8.63
N LEU A 130 -10.72 -24.19 -7.68
CA LEU A 130 -11.11 -25.48 -7.13
C LEU A 130 -11.99 -26.25 -8.11
N HIS A 131 -11.63 -27.50 -8.37
CA HIS A 131 -12.51 -28.39 -9.14
C HIS A 131 -13.34 -29.29 -8.25
N ILE A 132 -12.90 -29.53 -7.01
CA ILE A 132 -13.61 -30.38 -6.08
C ILE A 132 -13.48 -29.73 -4.70
N LEU A 133 -14.41 -30.12 -3.80
CA LEU A 133 -14.31 -29.66 -2.41
C LEU A 133 -14.04 -30.85 -1.50
N PRO A 134 -13.32 -30.66 -0.39
CA PRO A 134 -13.24 -31.72 0.62
C PRO A 134 -14.61 -31.98 1.21
N LEU A 135 -14.70 -33.09 1.95
CA LEU A 135 -15.93 -33.39 2.68
C LEU A 135 -16.17 -32.30 3.72
N LEU A 136 -17.41 -31.83 3.80
CA LEU A 136 -17.69 -30.64 4.61
C LEU A 136 -17.94 -31.03 6.07
N PRO A 137 -17.35 -30.30 7.01
CA PRO A 137 -17.42 -30.71 8.43
C PRO A 137 -18.75 -30.33 9.08
N PRO A 138 -19.11 -31.00 10.18
CA PRO A 138 -20.50 -30.94 10.65
C PRO A 138 -20.92 -29.62 11.30
N GLU A 139 -20.00 -28.73 11.67
CA GLU A 139 -20.40 -27.47 12.27
C GLU A 139 -20.40 -26.32 11.25
N LEU A 140 -20.18 -26.61 9.97
CA LEU A 140 -20.05 -25.54 8.98
C LEU A 140 -21.34 -24.73 8.89
N LYS A 141 -21.21 -23.42 9.03
CA LYS A 141 -22.34 -22.51 8.94
C LYS A 141 -22.37 -21.70 7.66
N LEU A 142 -21.21 -21.45 7.07
CA LEU A 142 -21.13 -20.63 5.87
C LEU A 142 -20.14 -21.28 4.92
N LEU A 143 -20.55 -21.41 3.67
CA LEU A 143 -19.73 -21.99 2.61
C LEU A 143 -19.78 -21.02 1.43
N VAL A 144 -18.67 -20.39 1.12
CA VAL A 144 -18.61 -19.45 0.00
C VAL A 144 -17.56 -19.99 -0.96
N VAL A 145 -18.01 -20.47 -2.12
CA VAL A 145 -17.13 -21.10 -3.10
C VAL A 145 -17.43 -20.58 -4.50
N SER A 146 -18.09 -19.42 -4.60
CA SER A 146 -18.40 -18.83 -5.88
C SER A 146 -17.13 -18.53 -6.67
N GLY A 147 -17.24 -18.62 -7.99
CA GLY A 147 -16.11 -18.28 -8.85
C GLY A 147 -15.02 -19.31 -8.76
N ASN A 148 -15.36 -20.59 -8.80
CA ASN A 148 -14.33 -21.60 -8.90
C ASN A 148 -14.55 -22.40 -10.18
N ARG A 149 -14.09 -23.64 -10.20
CA ARG A 149 -14.28 -24.53 -11.36
C ARG A 149 -14.97 -25.81 -10.93
N LEU A 150 -15.89 -25.69 -9.97
CA LEU A 150 -16.47 -26.84 -9.31
C LEU A 150 -17.38 -27.63 -10.24
N ASP A 151 -17.10 -28.93 -10.37
CA ASP A 151 -17.92 -29.81 -11.17
C ASP A 151 -19.02 -30.44 -10.34
N SER A 152 -18.82 -30.46 -9.02
CA SER A 152 -19.75 -31.13 -8.13
C SER A 152 -19.54 -30.54 -6.74
N ILE A 153 -20.48 -30.82 -5.86
CA ILE A 153 -20.40 -30.26 -4.51
C ILE A 153 -20.85 -31.34 -3.53
N PRO A 154 -20.15 -31.51 -2.41
CA PRO A 154 -20.47 -32.58 -1.47
C PRO A 154 -21.80 -32.34 -0.78
N PRO A 155 -22.31 -33.35 -0.06
CA PRO A 155 -23.55 -33.16 0.71
C PRO A 155 -23.38 -32.05 1.74
N PHE A 156 -24.50 -31.33 2.01
CA PHE A 156 -24.48 -30.18 2.91
C PHE A 156 -24.76 -30.62 4.33
N PRO A 157 -23.93 -30.23 5.29
CA PRO A 157 -24.19 -30.59 6.69
C PRO A 157 -25.36 -29.77 7.23
N ASP A 158 -25.94 -30.26 8.32
CA ASP A 158 -27.29 -29.84 8.66
C ASP A 158 -27.38 -28.57 9.50
N LYS A 159 -26.29 -27.84 9.70
CA LYS A 159 -26.37 -26.49 10.26
C LYS A 159 -25.97 -25.41 9.26
N LEU A 160 -25.78 -25.76 7.99
CA LEU A 160 -25.33 -24.79 6.99
C LEU A 160 -26.41 -23.77 6.77
N GLU A 161 -26.07 -22.50 6.97
CA GLU A 161 -27.02 -21.40 6.89
C GLU A 161 -26.83 -20.53 5.66
N GLY A 162 -25.60 -20.39 5.18
CA GLY A 162 -25.33 -19.61 4.00
C GLY A 162 -24.50 -20.41 3.02
N LEU A 163 -24.90 -20.39 1.76
CA LEU A 163 -24.23 -21.14 0.70
C LEU A 163 -24.09 -20.24 -0.50
N ALA A 164 -22.89 -20.11 -1.03
CA ALA A 164 -22.71 -19.38 -2.27
C ALA A 164 -21.81 -20.20 -3.16
N LEU A 165 -22.34 -20.59 -4.31
CA LEU A 165 -21.56 -21.38 -5.25
C LEU A 165 -21.76 -20.88 -6.68
N ALA A 166 -22.06 -19.59 -6.82
CA ALA A 166 -22.25 -18.98 -8.14
C ALA A 166 -21.01 -19.09 -9.02
N ASN A 167 -21.22 -19.15 -10.34
CA ASN A 167 -20.14 -19.17 -11.32
C ASN A 167 -19.25 -20.37 -11.07
N ASN A 168 -19.86 -21.54 -11.15
CA ASN A 168 -19.16 -22.81 -11.16
C ASN A 168 -19.68 -23.62 -12.34
N PHE A 169 -19.41 -24.93 -12.33
CA PHE A 169 -19.85 -25.81 -13.40
C PHE A 169 -20.70 -26.95 -12.84
N ILE A 170 -21.47 -26.70 -11.78
CA ILE A 170 -22.12 -27.77 -11.04
C ILE A 170 -23.36 -28.28 -11.80
N GLU A 171 -23.49 -29.60 -11.90
CA GLU A 171 -24.59 -30.19 -12.64
C GLU A 171 -25.68 -30.77 -11.74
N GLN A 172 -25.38 -31.07 -10.48
CA GLN A 172 -26.37 -31.61 -9.55
C GLN A 172 -26.26 -30.91 -8.22
N LEU A 173 -27.40 -30.58 -7.61
CA LEU A 173 -27.39 -29.95 -6.29
C LEU A 173 -27.89 -30.92 -5.23
N PRO A 174 -27.08 -31.21 -4.21
CA PRO A 174 -27.53 -32.06 -3.09
C PRO A 174 -28.68 -31.42 -2.32
N GLU A 175 -29.41 -32.26 -1.58
CA GLU A 175 -30.60 -31.76 -0.90
C GLU A 175 -30.21 -30.69 0.12
N LEU A 176 -31.07 -29.70 0.27
CA LEU A 176 -30.76 -28.53 1.08
C LEU A 176 -31.36 -28.69 2.47
N PRO A 177 -30.56 -28.42 3.50
CA PRO A 177 -31.07 -28.53 4.88
C PRO A 177 -31.92 -27.34 5.24
N PHE A 178 -32.89 -27.56 6.14
CA PHE A 178 -33.76 -26.45 6.51
C PHE A 178 -32.99 -25.30 7.16
N SER A 179 -31.80 -25.57 7.72
CA SER A 179 -30.97 -24.50 8.25
C SER A 179 -30.58 -23.47 7.21
N MET A 180 -30.65 -23.80 5.91
CA MET A 180 -30.23 -22.86 4.87
C MET A 180 -31.19 -21.70 4.70
N ASN A 181 -30.68 -20.48 4.88
CA ASN A 181 -31.47 -19.29 4.66
C ASN A 181 -31.07 -18.54 3.39
N ARG A 182 -29.94 -18.90 2.78
CA ARG A 182 -29.41 -18.12 1.68
C ARG A 182 -28.60 -19.05 0.80
N ALA A 183 -29.02 -19.20 -0.46
CA ALA A 183 -28.41 -20.15 -1.38
C ALA A 183 -28.21 -19.45 -2.72
N VAL A 184 -26.97 -19.12 -3.05
CA VAL A 184 -26.67 -18.50 -4.33
C VAL A 184 -26.21 -19.62 -5.24
N LEU A 185 -27.05 -19.97 -6.23
CA LEU A 185 -26.76 -21.08 -7.15
C LEU A 185 -26.56 -20.59 -8.56
N MET A 186 -26.49 -19.27 -8.75
CA MET A 186 -26.58 -18.65 -10.05
C MET A 186 -25.42 -19.08 -10.94
N ASN A 187 -25.65 -19.17 -12.25
CA ASN A 187 -24.57 -19.41 -13.23
C ASN A 187 -23.86 -20.74 -12.94
N ASN A 188 -24.62 -21.82 -13.00
CA ASN A 188 -24.09 -23.18 -12.96
C ASN A 188 -24.73 -23.96 -14.11
N ASN A 189 -24.68 -25.29 -14.03
CA ASN A 189 -25.23 -26.13 -15.08
C ASN A 189 -26.39 -26.99 -14.59
N LEU A 190 -27.16 -26.50 -13.61
CA LEU A 190 -28.26 -27.28 -13.07
C LEU A 190 -29.44 -27.36 -14.04
N THR A 191 -30.05 -28.55 -14.13
CA THR A 191 -31.30 -28.71 -14.87
C THR A 191 -32.50 -29.02 -13.99
N THR A 192 -32.26 -29.49 -12.77
CA THR A 192 -33.32 -29.76 -11.79
C THR A 192 -32.88 -29.21 -10.44
N LEU A 193 -33.84 -29.03 -9.55
CA LEU A 193 -33.52 -28.64 -8.18
C LEU A 193 -34.09 -29.66 -7.21
N PRO A 194 -33.39 -29.92 -6.09
CA PRO A 194 -33.91 -30.84 -5.09
C PRO A 194 -35.19 -30.31 -4.47
N GLU A 195 -36.12 -31.22 -4.18
CA GLU A 195 -37.42 -30.83 -3.66
C GLU A 195 -37.30 -30.08 -2.34
N SER A 196 -36.27 -30.39 -1.55
CA SER A 196 -36.05 -29.69 -0.29
C SER A 196 -35.91 -28.18 -0.46
N VAL A 197 -35.68 -27.68 -1.68
CA VAL A 197 -35.61 -26.22 -1.82
C VAL A 197 -36.95 -25.58 -1.48
N LEU A 198 -38.06 -26.26 -1.78
CA LEU A 198 -39.37 -25.71 -1.50
C LEU A 198 -39.74 -25.77 -0.03
N ARG A 199 -39.00 -26.52 0.78
CA ARG A 199 -39.28 -26.62 2.19
C ARG A 199 -38.47 -25.63 3.04
N LEU A 200 -37.60 -24.83 2.45
CA LEU A 200 -36.86 -23.87 3.25
C LEU A 200 -37.81 -22.81 3.79
N ALA A 201 -37.32 -22.04 4.76
CA ALA A 201 -38.14 -21.08 5.47
C ALA A 201 -38.67 -20.00 4.54
N GLN A 202 -39.78 -19.37 4.95
CA GLN A 202 -40.37 -18.34 4.09
C GLN A 202 -39.43 -17.15 3.94
N ASN A 203 -38.59 -16.89 4.93
CA ASN A 203 -37.65 -15.78 4.81
C ASN A 203 -36.39 -16.17 4.03
N ALA A 204 -36.26 -17.42 3.62
CA ALA A 204 -35.09 -17.88 2.91
C ALA A 204 -35.05 -17.34 1.48
N PHE A 205 -33.83 -17.26 0.94
CA PHE A 205 -33.58 -16.74 -0.38
C PHE A 205 -32.77 -17.72 -1.21
N VAL A 206 -33.19 -17.95 -2.46
CA VAL A 206 -32.49 -18.81 -3.40
C VAL A 206 -32.36 -18.10 -4.73
N ASN A 207 -31.13 -18.01 -5.25
CA ASN A 207 -30.90 -17.39 -6.55
C ASN A 207 -30.42 -18.49 -7.48
N VAL A 208 -31.24 -18.85 -8.46
CA VAL A 208 -30.90 -19.94 -9.36
C VAL A 208 -30.84 -19.46 -10.81
N ALA A 209 -30.71 -18.15 -10.99
CA ALA A 209 -30.60 -17.56 -12.32
C ALA A 209 -29.39 -18.12 -13.07
N GLY A 210 -29.49 -18.14 -14.40
CA GLY A 210 -28.33 -18.58 -15.16
C GLY A 210 -28.04 -20.06 -15.09
N ASN A 211 -29.03 -20.88 -14.77
CA ASN A 211 -28.97 -22.33 -14.86
C ASN A 211 -29.92 -22.83 -15.95
N PRO A 212 -29.52 -23.86 -16.72
CA PRO A 212 -30.43 -24.39 -17.75
C PRO A 212 -31.50 -25.30 -17.15
N LEU A 213 -32.34 -24.71 -16.30
CA LEU A 213 -33.41 -25.49 -15.70
C LEU A 213 -34.39 -25.97 -16.76
N SER A 214 -34.74 -27.25 -16.71
CA SER A 214 -35.61 -27.84 -17.72
C SER A 214 -37.02 -27.28 -17.65
N GLY A 215 -37.77 -27.47 -18.74
CA GLY A 215 -39.17 -27.04 -18.76
C GLY A 215 -39.98 -27.68 -17.67
N HIS A 216 -39.78 -28.99 -17.46
CA HIS A 216 -40.49 -29.71 -16.42
C HIS A 216 -40.10 -29.20 -15.04
N THR A 217 -38.81 -28.89 -14.84
CA THR A 217 -38.37 -28.28 -13.59
C THR A 217 -39.08 -26.95 -13.34
N MET A 218 -39.09 -26.09 -14.36
CA MET A 218 -39.73 -24.78 -14.25
C MET A 218 -41.21 -24.90 -13.95
N ARG A 219 -41.92 -25.82 -14.62
CA ARG A 219 -43.34 -25.99 -14.33
C ARG A 219 -43.54 -26.59 -12.95
N THR A 220 -42.76 -27.63 -12.62
CA THR A 220 -42.86 -28.24 -11.30
C THR A 220 -42.74 -27.19 -10.20
N LEU A 221 -41.70 -26.36 -10.28
CA LEU A 221 -41.46 -25.38 -9.22
C LEU A 221 -42.51 -24.28 -9.23
N GLN A 222 -42.78 -23.72 -10.41
CA GLN A 222 -43.69 -22.57 -10.42
C GLN A 222 -45.13 -22.96 -10.16
N GLN A 223 -45.50 -24.21 -10.41
CA GLN A 223 -46.79 -24.67 -9.92
C GLN A 223 -46.89 -24.51 -8.41
N ILE A 224 -45.78 -24.67 -7.69
CA ILE A 224 -45.78 -24.47 -6.25
C ILE A 224 -45.52 -23.01 -5.88
N THR A 225 -44.48 -22.38 -6.45
CA THR A 225 -44.12 -21.03 -6.03
C THR A 225 -45.15 -19.99 -6.44
N THR A 226 -45.91 -20.23 -7.51
CA THR A 226 -46.95 -19.29 -7.92
C THR A 226 -48.31 -19.60 -7.31
N GLY A 227 -48.46 -20.73 -6.64
CA GLY A 227 -49.71 -21.06 -5.97
C GLY A 227 -50.08 -20.06 -4.89
N PRO A 228 -51.37 -19.97 -4.56
CA PRO A 228 -51.80 -18.96 -3.58
C PRO A 228 -51.41 -19.28 -2.15
N ASP A 229 -51.25 -20.55 -1.81
CA ASP A 229 -50.92 -20.98 -0.45
C ASP A 229 -49.43 -21.24 -0.25
N TYR A 230 -48.59 -20.80 -1.19
CA TYR A 230 -47.14 -21.01 -1.12
C TYR A 230 -46.53 -20.29 0.06
N SER A 231 -45.76 -21.04 0.87
CA SER A 231 -45.05 -20.49 2.03
C SER A 231 -43.58 -20.89 2.07
N GLY A 232 -43.01 -21.30 0.93
CA GLY A 232 -41.59 -21.59 0.84
C GLY A 232 -40.78 -20.36 0.52
N PRO A 233 -39.49 -20.53 0.25
CA PRO A 233 -38.59 -19.37 0.08
C PRO A 233 -38.88 -18.60 -1.21
N ARG A 234 -38.30 -17.41 -1.26
CA ARG A 234 -38.28 -16.62 -2.48
C ARG A 234 -37.21 -17.18 -3.40
N ILE A 235 -37.60 -17.61 -4.59
CA ILE A 235 -36.67 -18.18 -5.56
C ILE A 235 -36.57 -17.23 -6.76
N PHE A 236 -35.36 -16.72 -7.02
CA PHE A 236 -35.10 -15.93 -8.21
C PHE A 236 -34.61 -16.83 -9.33
N PHE A 237 -35.36 -16.87 -10.43
CA PHE A 237 -35.05 -17.66 -11.61
C PHE A 237 -34.33 -16.89 -12.71
N SER A 238 -34.28 -15.57 -12.63
CA SER A 238 -33.72 -14.75 -13.70
C SER A 238 -33.23 -13.40 -13.18
N PHE B 6 -18.27 3.20 12.98
CA PHE B 6 -17.49 1.97 12.89
C PHE B 6 -18.21 0.84 13.67
N GLN B 7 -19.39 1.13 14.22
CA GLN B 7 -20.30 0.10 14.70
C GLN B 7 -21.18 -0.42 13.56
N ASP B 8 -21.43 -1.74 13.55
CA ASP B 8 -22.33 -2.36 12.58
C ASP B 8 -23.71 -1.71 12.59
N ILE B 9 -24.32 -1.61 11.41
CA ILE B 9 -25.70 -1.17 11.27
C ILE B 9 -26.50 -2.26 10.57
N ARG B 10 -27.72 -2.53 11.05
CA ARG B 10 -28.62 -3.48 10.40
C ARG B 10 -29.48 -2.75 9.39
N LEU B 11 -29.33 -3.09 8.11
CA LEU B 11 -30.01 -2.37 7.04
C LEU B 11 -31.15 -3.26 6.50
N TRP B 12 -32.36 -2.73 6.54
CA TRP B 12 -33.52 -3.41 5.98
C TRP B 12 -33.56 -3.09 4.48
N VAL B 13 -33.51 -4.13 3.64
CA VAL B 13 -33.44 -3.92 2.19
C VAL B 13 -34.62 -4.62 1.53
N SER B 14 -35.39 -3.86 0.76
CA SER B 14 -36.43 -4.41 -0.11
C SER B 14 -35.88 -4.55 -1.52
N VAL B 15 -35.80 -5.78 -2.01
CA VAL B 15 -35.26 -6.08 -3.33
C VAL B 15 -36.41 -6.28 -4.29
N GLU B 16 -36.35 -5.62 -5.45
CA GLU B 16 -37.38 -5.76 -6.49
C GLU B 16 -36.65 -6.02 -7.80
N ASP B 17 -37.05 -7.05 -8.56
CA ASP B 17 -36.31 -7.33 -9.80
C ASP B 17 -37.09 -6.94 -11.07
N HIS B 21 -40.65 -9.50 -9.10
CA HIS B 21 -40.55 -10.34 -7.91
C HIS B 21 -39.75 -9.66 -6.79
N THR B 22 -40.19 -9.84 -5.56
CA THR B 22 -39.60 -9.13 -4.44
C THR B 22 -39.11 -10.10 -3.36
N VAL B 23 -38.19 -9.59 -2.54
CA VAL B 23 -37.65 -10.30 -1.39
C VAL B 23 -37.08 -9.24 -0.45
N THR B 24 -37.23 -9.48 0.85
CA THR B 24 -36.66 -8.61 1.85
C THR B 24 -35.45 -9.30 2.47
N ILE B 25 -34.34 -8.58 2.55
CA ILE B 25 -33.10 -9.14 3.07
C ILE B 25 -32.61 -8.21 4.16
N TRP B 26 -31.88 -8.79 5.13
CA TRP B 26 -31.26 -8.04 6.21
C TRP B 26 -29.78 -8.00 5.94
N LEU B 27 -29.22 -6.81 5.84
CA LEU B 27 -27.79 -6.65 5.65
C LEU B 27 -27.18 -6.04 6.89
N THR B 28 -25.89 -6.31 7.09
CA THR B 28 -25.12 -5.66 8.15
C THR B 28 -24.05 -4.82 7.47
N VAL B 29 -24.12 -3.50 7.68
CA VAL B 29 -23.27 -2.55 6.98
C VAL B 29 -22.58 -1.66 8.01
N ARG B 30 -21.55 -0.94 7.54
CA ARG B 30 -20.87 0.07 8.34
C ARG B 30 -21.09 1.45 7.71
N PRO B 31 -21.21 2.50 8.51
CA PRO B 31 -21.59 3.81 7.94
C PRO B 31 -20.60 4.35 6.92
N ASP B 32 -19.33 3.99 7.01
CA ASP B 32 -18.36 4.48 6.02
C ASP B 32 -18.35 3.65 4.74
N MET B 33 -19.18 2.61 4.65
CA MET B 33 -19.22 1.81 3.43
C MET B 33 -19.67 2.66 2.24
N THR B 34 -18.99 2.51 1.11
CA THR B 34 -19.50 3.11 -0.11
C THR B 34 -20.60 2.24 -0.72
N VAL B 35 -21.38 2.84 -1.62
CA VAL B 35 -22.34 2.08 -2.42
C VAL B 35 -21.62 1.05 -3.28
N ALA B 36 -20.41 1.39 -3.76
CA ALA B 36 -19.64 0.41 -4.53
C ALA B 36 -19.34 -0.83 -3.68
N SER B 37 -18.87 -0.63 -2.44
CA SER B 37 -18.58 -1.78 -1.56
C SER B 37 -19.85 -2.53 -1.17
N LEU B 38 -20.97 -1.81 -1.01
CA LEU B 38 -22.25 -2.47 -0.75
C LEU B 38 -22.62 -3.38 -1.93
N LYS B 39 -22.46 -2.87 -3.15
CA LYS B 39 -22.80 -3.69 -4.32
C LYS B 39 -21.93 -4.94 -4.37
N ASP B 40 -20.65 -4.81 -4.02
CA ASP B 40 -19.78 -5.97 -3.98
C ASP B 40 -20.22 -6.98 -2.92
N MET B 41 -20.60 -6.48 -1.74
CA MET B 41 -21.06 -7.38 -0.70
C MET B 41 -22.29 -8.15 -1.14
N VAL B 42 -23.22 -7.46 -1.80
CA VAL B 42 -24.46 -8.10 -2.21
C VAL B 42 -24.22 -9.05 -3.38
N PHE B 43 -23.27 -8.73 -4.27
CA PHE B 43 -22.87 -9.64 -5.34
C PHE B 43 -22.44 -10.99 -4.78
N LEU B 44 -21.56 -10.99 -3.78
CA LEU B 44 -21.08 -12.24 -3.22
C LEU B 44 -22.16 -12.96 -2.43
N ASP B 45 -22.96 -12.24 -1.63
CA ASP B 45 -23.90 -12.87 -0.71
C ASP B 45 -25.23 -13.25 -1.36
N TYR B 46 -25.60 -12.62 -2.47
CA TYR B 46 -26.92 -12.83 -3.11
C TYR B 46 -26.83 -13.14 -4.60
N GLY B 47 -25.68 -12.90 -5.21
CA GLY B 47 -25.49 -13.19 -6.62
C GLY B 47 -25.88 -12.09 -7.56
N PHE B 48 -26.25 -10.90 -7.08
CA PHE B 48 -26.68 -9.84 -7.99
C PHE B 48 -25.47 -9.09 -8.54
N PRO B 49 -25.22 -9.10 -9.85
CA PRO B 49 -24.05 -8.40 -10.40
C PRO B 49 -24.12 -6.91 -10.13
N PRO B 50 -23.00 -6.30 -9.71
CA PRO B 50 -23.01 -4.87 -9.37
C PRO B 50 -23.60 -3.98 -10.44
N VAL B 51 -23.26 -4.22 -11.71
CA VAL B 51 -23.79 -3.40 -12.79
C VAL B 51 -25.31 -3.43 -12.89
N LEU B 52 -25.96 -4.46 -12.33
CA LEU B 52 -27.42 -4.56 -12.42
C LEU B 52 -28.12 -4.02 -11.19
N GLN B 53 -27.38 -3.60 -10.16
CA GLN B 53 -27.96 -3.13 -8.92
C GLN B 53 -28.19 -1.62 -8.99
N GLN B 54 -29.40 -1.19 -8.61
CA GLN B 54 -29.73 0.22 -8.51
C GLN B 54 -30.29 0.48 -7.12
N TRP B 55 -29.57 1.30 -6.34
CA TRP B 55 -29.89 1.52 -4.93
C TRP B 55 -30.58 2.86 -4.74
N VAL B 56 -31.72 2.83 -4.04
CA VAL B 56 -32.42 4.04 -3.61
C VAL B 56 -32.39 4.13 -2.09
N ILE B 57 -31.81 5.22 -1.57
CA ILE B 57 -31.72 5.46 -0.14
C ILE B 57 -32.16 6.90 0.10
N GLY B 58 -33.43 7.10 0.48
CA GLY B 58 -33.90 8.43 0.81
C GLY B 58 -33.98 9.40 -0.35
N GLN B 59 -34.95 9.18 -1.24
CA GLN B 59 -35.29 10.06 -2.35
C GLN B 59 -34.19 10.16 -3.40
N ARG B 60 -33.03 9.55 -3.15
CA ARG B 60 -31.92 9.66 -4.09
C ARG B 60 -31.53 8.30 -4.63
N LEU B 61 -31.14 8.27 -5.90
CA LEU B 61 -30.46 7.12 -6.49
C LEU B 61 -28.98 7.16 -6.09
N ALA B 62 -28.55 6.15 -5.33
CA ALA B 62 -27.21 6.16 -4.75
C ALA B 62 -26.13 5.85 -5.78
N ARG B 63 -25.13 6.72 -5.85
CA ARG B 63 -24.00 6.60 -6.76
C ARG B 63 -22.88 5.82 -6.07
N ASP B 64 -22.05 5.17 -6.88
CA ASP B 64 -21.12 4.16 -6.36
C ASP B 64 -20.19 4.70 -5.28
N GLN B 65 -19.71 5.94 -5.41
CA GLN B 65 -18.72 6.40 -4.44
C GLN B 65 -19.33 7.07 -3.22
N GLU B 66 -20.64 7.29 -3.19
CA GLU B 66 -21.22 7.91 -2.00
C GLU B 66 -21.24 6.92 -0.85
N THR B 67 -21.16 7.43 0.37
CA THR B 67 -21.20 6.59 1.55
C THR B 67 -22.64 6.41 2.03
N LEU B 68 -22.86 5.31 2.73
CA LEU B 68 -24.14 5.09 3.38
C LEU B 68 -24.43 6.19 4.39
N HIS B 69 -23.39 6.62 5.12
CA HIS B 69 -23.53 7.71 6.08
C HIS B 69 -24.02 8.99 5.41
N SER B 70 -23.46 9.31 4.23
CA SER B 70 -23.87 10.49 3.50
C SER B 70 -25.33 10.42 3.05
N HIS B 71 -25.92 9.23 3.04
CA HIS B 71 -27.33 9.08 2.67
C HIS B 71 -28.21 8.88 3.88
N GLY B 72 -27.70 9.18 5.08
CA GLY B 72 -28.51 9.14 6.28
C GLY B 72 -28.64 7.79 6.94
N VAL B 73 -27.94 6.77 6.45
CA VAL B 73 -27.94 5.46 7.08
C VAL B 73 -27.15 5.58 8.38
N ARG B 74 -27.85 5.55 9.52
CA ARG B 74 -27.20 5.74 10.81
C ARG B 74 -27.59 4.75 11.91
N GLN B 75 -28.71 4.04 11.80
CA GLN B 75 -29.16 3.26 12.95
C GLN B 75 -29.81 1.96 12.47
N ASN B 76 -29.78 0.95 13.32
CA ASN B 76 -30.41 -0.32 13.00
C ASN B 76 -31.83 -0.14 12.52
N GLY B 77 -32.23 -0.94 11.54
CA GLY B 77 -33.56 -0.85 10.97
C GLY B 77 -33.74 0.21 9.91
N ASP B 78 -32.70 0.99 9.58
CA ASP B 78 -32.77 1.90 8.44
C ASP B 78 -33.00 1.12 7.15
N SER B 79 -33.66 1.76 6.17
CA SER B 79 -34.12 1.08 4.96
C SER B 79 -33.43 1.58 3.70
N ALA B 80 -33.36 0.69 2.71
CA ALA B 80 -32.92 1.01 1.36
C ALA B 80 -33.69 0.11 0.42
N TYR B 81 -33.90 0.59 -0.80
CA TYR B 81 -34.55 -0.21 -1.83
C TYR B 81 -33.55 -0.55 -2.92
N LEU B 82 -33.51 -1.82 -3.29
CA LEU B 82 -32.62 -2.33 -4.32
C LEU B 82 -33.47 -2.80 -5.51
N TYR B 83 -33.21 -2.25 -6.68
CA TYR B 83 -33.88 -2.64 -7.92
C TYR B 83 -32.88 -3.30 -8.85
N LEU B 84 -33.26 -4.43 -9.44
CA LEU B 84 -32.35 -5.20 -10.29
C LEU B 84 -32.69 -5.01 -11.77
N LEU B 85 -31.69 -4.55 -12.54
CA LEU B 85 -31.82 -4.25 -13.96
C LEU B 85 -31.69 -5.51 -14.80
N SER B 86 -32.26 -5.45 -16.00
CA SER B 86 -32.27 -6.58 -16.94
C SER B 86 -30.90 -6.81 -17.58
N GLY C 3 -19.88 23.84 -13.44
CA GLY C 3 -19.60 23.73 -14.86
C GLY C 3 -18.18 23.33 -15.22
N SER C 4 -17.19 23.89 -14.51
CA SER C 4 -15.84 23.35 -14.67
C SER C 4 -15.80 21.89 -14.22
N ASN C 5 -16.59 21.55 -13.19
CA ASN C 5 -16.55 20.18 -12.69
C ASN C 5 -16.96 19.19 -13.77
N GLU C 6 -17.84 19.58 -14.70
CA GLU C 6 -18.30 18.64 -15.73
C GLU C 6 -17.18 18.25 -16.69
N PHE C 7 -16.43 19.25 -17.17
CA PHE C 7 -15.28 18.99 -18.05
C PHE C 7 -14.29 18.05 -17.38
N TYR C 8 -13.93 18.31 -16.12
CA TYR C 8 -12.97 17.48 -15.44
C TYR C 8 -13.52 16.07 -15.22
N LEU C 9 -14.73 15.99 -14.65
CA LEU C 9 -15.33 14.68 -14.39
C LEU C 9 -15.48 13.87 -15.69
N LYS C 10 -15.82 14.52 -16.80
CA LYS C 10 -15.93 13.82 -18.08
C LYS C 10 -14.58 13.26 -18.53
N THR C 11 -13.57 14.13 -18.61
CA THR C 11 -12.21 13.70 -18.96
C THR C 11 -11.73 12.59 -18.05
N TRP C 12 -11.95 12.74 -16.74
CA TRP C 12 -11.52 11.75 -15.76
C TRP C 12 -12.26 10.43 -15.92
N SER C 13 -13.55 10.47 -16.24
CA SER C 13 -14.27 9.21 -16.44
C SER C 13 -13.74 8.48 -17.66
N GLU C 14 -13.50 9.20 -18.77
CA GLU C 14 -12.90 8.57 -19.94
C GLU C 14 -11.50 8.04 -19.61
N TRP C 15 -10.71 8.79 -18.82
CA TRP C 15 -9.37 8.32 -18.48
C TRP C 15 -9.45 7.06 -17.63
N GLU C 16 -10.42 7.01 -16.71
CA GLU C 16 -10.59 5.84 -15.86
C GLU C 16 -10.75 4.56 -16.67
N LYS C 17 -11.36 4.64 -17.86
CA LYS C 17 -11.65 3.44 -18.64
C LYS C 17 -10.58 3.10 -19.68
N ASN C 18 -9.54 3.92 -19.83
CA ASN C 18 -8.58 3.76 -20.92
C ASN C 18 -7.20 3.33 -20.44
N GLY C 19 -7.10 2.79 -19.23
CA GLY C 19 -5.83 2.29 -18.71
C GLY C 19 -5.64 0.80 -18.96
N THR C 20 -4.49 0.30 -18.50
CA THR C 20 -4.22 -1.12 -18.41
C THR C 20 -4.70 -1.65 -17.06
N PRO C 21 -4.93 -2.97 -16.92
CA PRO C 21 -5.60 -3.45 -15.72
C PRO C 21 -4.77 -3.37 -14.45
N GLY C 22 -3.45 -3.21 -14.55
CA GLY C 22 -2.66 -3.02 -13.34
C GLY C 22 -2.80 -1.65 -12.70
N GLU C 23 -3.11 -0.64 -13.51
CA GLU C 23 -3.22 0.74 -13.00
C GLU C 23 -4.47 0.86 -12.13
N GLN C 24 -4.34 1.49 -10.97
CA GLN C 24 -5.49 1.69 -10.10
C GLN C 24 -6.20 3.00 -10.45
N ARG C 25 -6.67 3.08 -11.72
CA ARG C 25 -7.33 4.28 -12.21
C ARG C 25 -8.65 4.54 -11.50
N ASN C 26 -9.32 3.49 -11.03
CA ASN C 26 -10.56 3.68 -10.29
C ASN C 26 -10.32 4.34 -8.94
N ILE C 27 -9.29 3.91 -8.21
CA ILE C 27 -8.91 4.60 -6.98
C ILE C 27 -8.48 6.03 -7.30
N ALA C 28 -7.79 6.21 -8.44
CA ALA C 28 -7.38 7.55 -8.85
C ALA C 28 -8.58 8.44 -9.16
N PHE C 29 -9.50 7.95 -10.00
CA PHE C 29 -10.70 8.76 -10.33
C PHE C 29 -11.43 9.20 -9.07
N ASN C 30 -11.56 8.31 -8.10
CA ASN C 30 -12.28 8.61 -6.87
C ASN C 30 -11.58 9.73 -6.09
N ARG C 31 -10.26 9.64 -5.97
CA ARG C 31 -9.51 10.68 -5.26
C ARG C 31 -9.59 12.01 -5.99
N LEU C 32 -9.45 11.98 -7.32
CA LEU C 32 -9.55 13.19 -8.12
C LEU C 32 -10.89 13.88 -7.90
N LYS C 33 -11.97 13.09 -7.83
CA LYS C 33 -13.29 13.67 -7.62
C LYS C 33 -13.42 14.31 -6.24
N ILE C 34 -13.09 13.57 -5.18
CA ILE C 34 -13.15 14.14 -3.84
C ILE C 34 -12.32 15.42 -3.76
N CYS C 35 -11.14 15.40 -4.40
CA CYS C 35 -10.27 16.57 -4.39
C CYS C 35 -10.94 17.75 -5.06
N LEU C 36 -11.49 17.54 -6.27
CA LEU C 36 -12.11 18.64 -7.01
C LEU C 36 -13.37 19.17 -6.30
N GLN C 37 -14.24 18.26 -5.83
CA GLN C 37 -15.51 18.67 -5.24
C GLN C 37 -15.35 19.23 -3.82
N ASN C 38 -14.39 18.73 -3.05
CA ASN C 38 -14.12 19.27 -1.73
C ASN C 38 -13.14 20.44 -1.77
N GLN C 39 -12.67 20.84 -2.95
CA GLN C 39 -11.68 21.91 -3.11
C GLN C 39 -10.49 21.70 -2.18
N GLU C 40 -9.92 20.50 -2.24
CA GLU C 40 -8.86 20.06 -1.36
C GLU C 40 -7.52 20.66 -1.81
N ALA C 41 -6.66 20.94 -0.84
CA ALA C 41 -5.35 21.54 -1.13
C ALA C 41 -4.36 20.54 -1.67
N GLU C 42 -4.45 19.28 -1.25
CA GLU C 42 -3.51 18.23 -1.61
C GLU C 42 -4.22 17.16 -2.44
N LEU C 43 -3.60 16.78 -3.55
CA LEU C 43 -3.97 15.59 -4.31
C LEU C 43 -2.91 14.52 -4.07
N ASN C 44 -3.33 13.32 -3.61
CA ASN C 44 -2.41 12.21 -3.38
C ASN C 44 -2.80 11.06 -4.29
N LEU C 45 -2.09 10.90 -5.40
CA LEU C 45 -2.25 9.76 -6.30
C LEU C 45 -1.07 8.81 -6.24
N SER C 46 -0.34 8.81 -5.14
CA SER C 46 0.87 8.00 -5.03
C SER C 46 0.54 6.50 -4.88
N GLU C 47 1.42 5.67 -5.43
CA GLU C 47 1.38 4.21 -5.23
C GLU C 47 0.11 3.59 -5.82
N LEU C 48 -0.30 4.06 -7.00
CA LEU C 48 -1.46 3.51 -7.70
C LEU C 48 -1.09 2.95 -9.07
N ASP C 49 0.21 2.72 -9.31
CA ASP C 49 0.72 2.08 -10.53
C ASP C 49 0.25 2.80 -11.80
N LEU C 50 0.08 4.12 -11.73
CA LEU C 50 -0.48 4.87 -12.84
C LEU C 50 0.57 5.10 -13.93
N LYS C 51 0.12 4.99 -15.19
CA LYS C 51 1.04 5.19 -16.32
C LYS C 51 0.94 6.56 -16.97
N THR C 52 -0.20 7.25 -16.83
CA THR C 52 -0.36 8.65 -17.20
C THR C 52 -1.24 9.30 -16.14
N LEU C 53 -1.24 10.63 -16.13
CA LEU C 53 -2.22 11.33 -15.31
C LEU C 53 -3.07 12.19 -16.24
N PRO C 54 -4.35 12.41 -15.90
CA PRO C 54 -5.16 13.32 -16.70
C PRO C 54 -4.97 14.76 -16.25
N ASP C 55 -5.80 15.67 -16.76
CA ASP C 55 -5.79 17.05 -16.29
C ASP C 55 -5.94 17.10 -14.77
N LEU C 56 -5.14 17.98 -14.12
CA LEU C 56 -5.20 17.89 -12.66
C LEU C 56 -6.12 18.98 -12.10
N PRO C 57 -6.71 18.77 -10.93
CA PRO C 57 -7.54 19.82 -10.28
C PRO C 57 -6.76 21.11 -10.14
N PRO C 58 -7.32 22.25 -10.56
CA PRO C 58 -6.52 23.46 -10.70
C PRO C 58 -6.17 24.17 -9.40
N GLN C 59 -6.76 23.79 -8.27
CA GLN C 59 -6.63 24.51 -7.01
C GLN C 59 -5.58 23.92 -6.07
N ILE C 60 -4.93 22.83 -6.44
CA ILE C 60 -4.09 22.12 -5.48
C ILE C 60 -2.82 22.93 -5.19
N THR C 61 -2.38 22.90 -3.94
CA THR C 61 -1.06 23.41 -3.60
C THR C 61 -0.03 22.31 -3.35
N THR C 62 -0.47 21.06 -3.14
CA THR C 62 0.45 19.93 -3.02
C THR C 62 0.03 18.82 -3.97
N LEU C 63 0.99 18.33 -4.77
CA LEU C 63 0.79 17.22 -5.70
C LEU C 63 1.67 16.06 -5.24
N GLU C 64 1.05 14.98 -4.80
CA GLU C 64 1.74 13.81 -4.26
C GLU C 64 1.45 12.65 -5.22
N ILE C 65 2.45 12.33 -6.07
CA ILE C 65 2.32 11.31 -7.09
C ILE C 65 3.50 10.34 -7.08
N ARG C 66 4.17 10.21 -5.93
CA ARG C 66 5.36 9.37 -5.88
C ARG C 66 4.98 7.91 -6.13
N LYS C 67 5.95 7.14 -6.61
CA LYS C 67 5.81 5.68 -6.80
C LYS C 67 4.65 5.31 -7.72
N ASN C 68 4.76 5.76 -8.97
CA ASN C 68 3.86 5.33 -10.02
C ASN C 68 4.75 4.87 -11.18
N LEU C 69 4.19 4.83 -12.39
CA LEU C 69 4.93 4.44 -13.59
C LEU C 69 4.88 5.54 -14.65
N LEU C 70 4.84 6.79 -14.22
CA LEU C 70 4.65 7.90 -15.14
C LEU C 70 5.91 8.20 -15.92
N THR C 71 5.74 8.45 -17.21
CA THR C 71 6.84 8.86 -18.06
C THR C 71 6.78 10.34 -18.39
N HIS C 72 5.59 10.94 -18.35
CA HIS C 72 5.46 12.36 -18.52
C HIS C 72 4.39 12.85 -17.55
N LEU C 73 4.37 14.15 -17.30
CA LEU C 73 3.31 14.72 -16.50
C LEU C 73 2.45 15.63 -17.36
N PRO C 74 1.18 15.80 -17.01
CA PRO C 74 0.37 16.85 -17.63
C PRO C 74 0.79 18.21 -17.11
N ASP C 75 0.19 19.26 -17.68
CA ASP C 75 0.50 20.63 -17.25
C ASP C 75 0.21 20.80 -15.77
N LEU C 76 1.09 21.54 -15.08
CA LEU C 76 1.04 21.63 -13.61
C LEU C 76 0.16 22.80 -13.18
N PRO C 77 -0.77 22.57 -12.25
CA PRO C 77 -1.70 23.64 -11.82
C PRO C 77 -0.95 24.82 -11.22
N PRO C 78 -1.42 26.05 -11.48
CA PRO C 78 -0.57 27.24 -11.29
C PRO C 78 -0.47 27.73 -9.86
N MET C 79 -1.08 27.07 -8.89
CA MET C 79 -0.89 27.44 -7.49
C MET C 79 -0.04 26.42 -6.73
N LEU C 80 0.52 25.42 -7.43
CA LEU C 80 1.26 24.35 -6.74
C LEU C 80 2.46 24.91 -6.00
N LYS C 81 2.64 24.48 -4.77
CA LYS C 81 3.78 24.85 -3.95
C LYS C 81 4.75 23.71 -3.69
N VAL C 82 4.26 22.48 -3.64
CA VAL C 82 5.06 21.30 -3.30
C VAL C 82 4.68 20.18 -4.26
N ILE C 83 5.67 19.59 -4.92
CA ILE C 83 5.45 18.44 -5.80
C ILE C 83 6.34 17.30 -5.33
N HIS C 84 5.73 16.14 -5.05
CA HIS C 84 6.45 14.88 -4.74
C HIS C 84 6.24 13.92 -5.91
N ALA C 85 7.23 13.81 -6.79
CA ALA C 85 7.11 12.98 -7.99
C ALA C 85 8.18 11.89 -8.06
N GLN C 86 8.79 11.55 -6.95
CA GLN C 86 9.91 10.64 -6.93
C GLN C 86 9.42 9.22 -7.20
N PHE C 87 10.33 8.39 -7.70
CA PHE C 87 10.07 6.99 -8.03
C PHE C 87 8.98 6.86 -9.11
N ASN C 88 9.25 7.51 -10.25
CA ASN C 88 8.44 7.32 -11.44
C ASN C 88 9.43 6.94 -12.54
N GLN C 89 9.05 7.17 -13.79
CA GLN C 89 9.96 6.97 -14.91
C GLN C 89 10.02 8.20 -15.76
N LEU C 90 9.94 9.36 -15.12
CA LEU C 90 9.82 10.60 -15.85
C LEU C 90 11.06 10.85 -16.71
N GLU C 91 10.82 11.23 -17.96
CA GLU C 91 11.88 11.65 -18.86
C GLU C 91 12.06 13.17 -18.85
N SER C 92 11.06 13.89 -18.35
CA SER C 92 11.13 15.34 -18.29
C SER C 92 10.05 15.81 -17.32
N LEU C 93 10.10 17.11 -17.02
CA LEU C 93 9.04 17.74 -16.26
C LEU C 93 8.46 18.89 -17.08
N PRO C 94 7.17 19.19 -16.92
CA PRO C 94 6.58 20.33 -17.62
C PRO C 94 7.05 21.65 -17.01
N ALA C 95 6.64 22.76 -17.61
CA ALA C 95 6.98 24.07 -17.06
C ALA C 95 6.51 24.18 -15.62
N LEU C 96 7.39 24.69 -14.77
CA LEU C 96 7.12 24.67 -13.34
C LEU C 96 6.36 25.93 -12.95
N PRO C 97 5.32 25.79 -12.13
CA PRO C 97 4.52 26.95 -11.74
C PRO C 97 5.35 27.90 -10.90
N GLU C 98 5.06 29.21 -11.06
CA GLU C 98 5.86 30.23 -10.37
C GLU C 98 5.72 30.14 -8.86
N THR C 99 4.65 29.50 -8.38
CA THR C 99 4.44 29.34 -6.95
C THR C 99 5.31 28.24 -6.34
N LEU C 100 5.97 27.42 -7.15
CA LEU C 100 6.60 26.20 -6.64
C LEU C 100 7.74 26.53 -5.69
N GLU C 101 7.72 25.88 -4.52
CA GLU C 101 8.72 26.04 -3.49
C GLU C 101 9.56 24.79 -3.28
N GLU C 102 8.95 23.60 -3.31
CA GLU C 102 9.69 22.35 -3.14
C GLU C 102 9.36 21.38 -4.26
N LEU C 103 10.40 20.91 -4.94
CA LEU C 103 10.30 19.95 -6.03
C LEU C 103 11.16 18.73 -5.71
N ASN C 104 10.51 17.57 -5.54
CA ASN C 104 11.24 16.30 -5.41
C ASN C 104 10.86 15.43 -6.60
N ALA C 105 11.81 15.23 -7.50
CA ALA C 105 11.64 14.29 -8.60
C ALA C 105 12.78 13.29 -8.65
N GLY C 106 13.31 12.93 -7.47
CA GLY C 106 14.35 11.94 -7.39
C GLY C 106 13.90 10.59 -7.91
N ASP C 107 14.90 9.79 -8.33
CA ASP C 107 14.67 8.43 -8.81
C ASP C 107 13.69 8.42 -10.00
N ASN C 108 14.09 9.12 -11.06
CA ASN C 108 13.35 9.12 -12.32
C ASN C 108 14.40 8.89 -13.40
N LYS C 109 14.10 9.32 -14.64
CA LYS C 109 15.00 9.18 -15.78
C LYS C 109 15.22 10.53 -16.46
N ILE C 110 15.19 11.62 -15.68
CA ILE C 110 15.10 12.96 -16.26
C ILE C 110 16.46 13.36 -16.83
N LYS C 111 16.44 13.80 -18.09
CA LYS C 111 17.67 14.15 -18.78
C LYS C 111 17.99 15.63 -18.71
N GLU C 112 16.97 16.49 -18.60
CA GLU C 112 17.20 17.91 -18.35
C GLU C 112 16.02 18.46 -17.57
N LEU C 113 16.28 19.45 -16.80
CA LEU C 113 15.19 20.10 -16.07
C LEU C 113 14.73 21.34 -16.81
N PRO C 114 13.48 21.74 -16.61
CA PRO C 114 13.00 23.03 -17.12
C PRO C 114 13.52 24.19 -16.27
N PHE C 115 13.20 25.42 -16.70
CA PHE C 115 13.49 26.62 -15.91
C PHE C 115 13.09 26.43 -14.46
N LEU C 116 13.98 26.84 -13.54
CA LEU C 116 13.71 26.79 -12.11
C LEU C 116 13.14 28.11 -11.65
N PRO C 117 11.90 28.17 -11.16
CA PRO C 117 11.29 29.47 -10.87
C PRO C 117 11.86 30.11 -9.60
N GLU C 118 11.65 31.42 -9.49
CA GLU C 118 12.40 32.23 -8.53
C GLU C 118 11.99 31.96 -7.09
N ASN C 119 10.84 31.32 -6.84
CA ASN C 119 10.45 31.03 -5.47
C ASN C 119 10.94 29.68 -4.97
N LEU C 120 11.64 28.91 -5.80
CA LEU C 120 12.03 27.55 -5.42
C LEU C 120 13.04 27.58 -4.30
N THR C 121 12.79 26.80 -3.24
CA THR C 121 13.71 26.74 -2.11
C THR C 121 14.32 25.36 -1.90
N HIS C 122 13.66 24.29 -2.35
CA HIS C 122 14.12 22.91 -2.15
C HIS C 122 14.01 22.16 -3.46
N LEU C 123 15.16 21.67 -3.95
CA LEU C 123 15.20 20.92 -5.20
C LEU C 123 15.93 19.61 -4.93
N ARG C 124 15.20 18.48 -5.04
CA ARG C 124 15.71 17.13 -4.79
C ARG C 124 15.51 16.31 -6.07
N VAL C 125 16.60 16.09 -6.82
CA VAL C 125 16.51 15.34 -8.08
C VAL C 125 17.65 14.33 -8.17
N HIS C 126 17.99 13.72 -7.06
CA HIS C 126 18.99 12.66 -7.02
C HIS C 126 18.52 11.48 -7.86
N ASN C 127 19.47 10.70 -8.39
CA ASN C 127 19.18 9.51 -9.20
C ASN C 127 18.33 9.86 -10.43
N ASN C 128 18.90 10.69 -11.29
CA ASN C 128 18.29 10.99 -12.57
C ASN C 128 19.42 10.84 -13.61
N ARG C 129 19.25 11.47 -14.76
CA ARG C 129 20.18 11.33 -15.87
C ARG C 129 20.66 12.70 -16.31
N LEU C 130 20.75 13.63 -15.38
CA LEU C 130 21.01 15.01 -15.74
C LEU C 130 22.48 15.19 -16.09
N HIS C 131 22.75 15.85 -17.22
CA HIS C 131 24.12 16.24 -17.53
C HIS C 131 24.45 17.66 -17.11
N ILE C 132 23.43 18.52 -17.01
CA ILE C 132 23.66 19.91 -16.62
C ILE C 132 22.42 20.36 -15.84
N LEU C 133 22.56 21.43 -15.10
CA LEU C 133 21.44 21.99 -14.35
C LEU C 133 21.02 23.33 -14.92
N PRO C 134 19.75 23.72 -14.79
CA PRO C 134 19.38 25.11 -15.07
C PRO C 134 20.06 26.07 -14.10
N LEU C 135 19.94 27.35 -14.40
CA LEU C 135 20.44 28.36 -13.49
C LEU C 135 19.68 28.29 -12.17
N LEU C 136 20.42 28.37 -11.06
CA LEU C 136 19.84 28.12 -9.75
C LEU C 136 19.19 29.39 -9.22
N PRO C 137 17.96 29.31 -8.71
CA PRO C 137 17.21 30.53 -8.36
C PRO C 137 17.64 31.10 -7.02
N PRO C 138 17.40 32.38 -6.78
CA PRO C 138 18.12 33.08 -5.71
C PRO C 138 17.70 32.71 -4.30
N GLU C 139 16.55 32.07 -4.10
CA GLU C 139 16.10 31.67 -2.77
C GLU C 139 16.39 30.21 -2.45
N LEU C 140 17.09 29.50 -3.34
CA LEU C 140 17.37 28.09 -3.15
C LEU C 140 18.13 27.83 -1.86
N LYS C 141 17.57 26.95 -1.03
CA LYS C 141 18.18 26.56 0.23
C LYS C 141 18.78 25.18 0.21
N LEU C 142 18.25 24.28 -0.62
CA LEU C 142 18.72 22.90 -0.62
C LEU C 142 18.76 22.40 -2.06
N LEU C 143 19.89 21.82 -2.43
CA LEU C 143 20.10 21.27 -3.76
C LEU C 143 20.66 19.87 -3.63
N VAL C 144 19.87 18.86 -4.02
CA VAL C 144 20.30 17.46 -4.00
C VAL C 144 20.27 16.95 -5.44
N VAL C 145 21.45 16.66 -5.99
CA VAL C 145 21.60 16.23 -7.38
C VAL C 145 22.56 15.03 -7.44
N SER C 146 22.74 14.36 -6.32
CA SER C 146 23.58 13.17 -6.22
C SER C 146 23.07 12.09 -7.18
N GLY C 147 24.00 11.29 -7.71
CA GLY C 147 23.59 10.20 -8.58
C GLY C 147 23.03 10.64 -9.92
N ASN C 148 23.66 11.61 -10.56
CA ASN C 148 23.26 11.98 -11.91
C ASN C 148 24.45 11.78 -12.85
N ARG C 149 24.47 12.50 -13.97
CA ARG C 149 25.58 12.43 -14.91
C ARG C 149 26.23 13.79 -15.13
N LEU C 150 26.26 14.62 -14.08
CA LEU C 150 26.57 16.03 -14.23
C LEU C 150 28.03 16.23 -14.62
N ASP C 151 28.24 16.97 -15.70
CA ASP C 151 29.58 17.37 -16.12
C ASP C 151 30.01 18.67 -15.47
N SER C 152 29.06 19.45 -14.98
CA SER C 152 29.33 20.75 -14.40
C SER C 152 28.15 21.12 -13.51
N ILE C 153 28.33 22.17 -12.72
CA ILE C 153 27.32 22.63 -11.77
C ILE C 153 27.30 24.16 -11.84
N PRO C 154 26.13 24.80 -11.91
CA PRO C 154 26.10 26.27 -12.05
C PRO C 154 26.55 26.96 -10.78
N PRO C 155 26.81 28.28 -10.84
CA PRO C 155 27.18 29.02 -9.63
C PRO C 155 26.11 28.88 -8.56
N PHE C 156 26.55 28.87 -7.28
CA PHE C 156 25.66 28.64 -6.15
C PHE C 156 25.08 29.96 -5.65
N PRO C 157 23.76 30.06 -5.46
CA PRO C 157 23.18 31.29 -4.92
C PRO C 157 23.52 31.44 -3.44
N ASP C 158 23.44 32.67 -2.92
CA ASP C 158 24.13 32.97 -1.67
C ASP C 158 23.32 32.69 -0.42
N LYS C 159 22.17 32.03 -0.53
CA LYS C 159 21.50 31.48 0.65
C LYS C 159 21.49 29.96 0.66
N LEU C 160 22.19 29.32 -0.26
CA LEU C 160 22.21 27.87 -0.35
C LEU C 160 22.90 27.29 0.88
N GLU C 161 22.19 26.44 1.60
CA GLU C 161 22.69 25.94 2.88
C GLU C 161 23.05 24.46 2.88
N GLY C 162 22.40 23.65 2.03
CA GLY C 162 22.66 22.23 1.93
C GLY C 162 22.88 21.84 0.48
N LEU C 163 23.94 21.09 0.21
CA LEU C 163 24.31 20.75 -1.16
C LEU C 163 24.77 19.31 -1.22
N ALA C 164 24.16 18.51 -2.10
CA ALA C 164 24.63 17.14 -2.32
C ALA C 164 24.75 16.89 -3.82
N LEU C 165 25.97 16.54 -4.25
CA LEU C 165 26.22 16.25 -5.66
C LEU C 165 27.14 15.03 -5.80
N ALA C 166 27.09 14.13 -4.83
CA ALA C 166 27.88 12.91 -4.86
C ALA C 166 27.60 12.10 -6.11
N ASN C 167 28.62 11.41 -6.61
CA ASN C 167 28.47 10.49 -7.75
C ASN C 167 27.95 11.23 -8.99
N ASN C 168 28.75 12.20 -9.41
CA ASN C 168 28.55 12.85 -10.69
C ASN C 168 29.91 12.79 -11.38
N PHE C 169 30.09 13.62 -12.40
CA PHE C 169 31.35 13.69 -13.13
C PHE C 169 31.89 15.12 -13.15
N ILE C 170 31.70 15.85 -12.05
CA ILE C 170 32.01 17.27 -12.02
C ILE C 170 33.53 17.44 -11.89
N GLU C 171 34.11 18.33 -12.70
CA GLU C 171 35.55 18.55 -12.69
C GLU C 171 36.00 19.84 -12.03
N GLN C 172 35.10 20.82 -11.91
CA GLN C 172 35.34 22.11 -11.30
C GLN C 172 34.21 22.40 -10.32
N LEU C 173 34.56 22.90 -9.14
CA LEU C 173 33.52 23.31 -8.21
C LEU C 173 33.50 24.83 -8.11
N PRO C 174 32.38 25.48 -8.42
CA PRO C 174 32.27 26.94 -8.25
C PRO C 174 32.46 27.32 -6.79
N GLU C 175 32.72 28.60 -6.55
CA GLU C 175 33.03 29.00 -5.18
C GLU C 175 31.81 28.80 -4.27
N LEU C 176 32.09 28.47 -2.99
CA LEU C 176 31.04 28.09 -2.07
C LEU C 176 30.58 29.28 -1.23
N PRO C 177 29.27 29.49 -1.11
CA PRO C 177 28.77 30.62 -0.33
C PRO C 177 28.88 30.33 1.16
N PHE C 178 29.09 31.40 1.92
CA PHE C 178 29.23 31.25 3.37
C PHE C 178 27.98 30.66 4.02
N SER C 179 26.82 30.79 3.37
CA SER C 179 25.60 30.17 3.87
C SER C 179 25.66 28.65 3.93
N MET C 180 26.60 28.01 3.22
CA MET C 180 26.62 26.55 3.12
C MET C 180 27.12 25.91 4.41
N ASN C 181 26.29 25.04 4.99
CA ASN C 181 26.64 24.31 6.19
C ASN C 181 26.98 22.85 5.93
N ARG C 182 26.65 22.34 4.75
CA ARG C 182 26.72 20.90 4.49
C ARG C 182 26.87 20.71 3.00
N ALA C 183 27.99 20.11 2.59
CA ALA C 183 28.29 19.95 1.16
C ALA C 183 28.82 18.54 0.93
N VAL C 184 28.03 17.71 0.25
CA VAL C 184 28.46 16.35 -0.08
C VAL C 184 28.97 16.36 -1.50
N LEU C 185 30.29 16.27 -1.65
CA LEU C 185 30.95 16.44 -2.93
C LEU C 185 31.63 15.15 -3.41
N MET C 186 31.33 14.03 -2.78
CA MET C 186 32.07 12.78 -2.95
C MET C 186 31.99 12.25 -4.38
N ASN C 187 33.00 11.50 -4.80
CA ASN C 187 32.91 10.68 -6.02
C ASN C 187 32.56 11.53 -7.24
N ASN C 188 33.41 12.52 -7.47
CA ASN C 188 33.35 13.33 -8.68
C ASN C 188 34.77 13.28 -9.25
N ASN C 189 35.09 14.22 -10.13
CA ASN C 189 36.40 14.24 -10.76
C ASN C 189 37.17 15.51 -10.39
N LEU C 190 36.98 16.02 -9.17
CA LEU C 190 37.69 17.22 -8.76
C LEU C 190 39.17 16.95 -8.51
N THR C 191 40.02 17.88 -8.96
CA THR C 191 41.45 17.83 -8.64
C THR C 191 41.87 18.93 -7.68
N THR C 192 41.08 19.99 -7.56
CA THR C 192 41.27 21.10 -6.65
C THR C 192 39.92 21.45 -6.03
N LEU C 193 39.96 22.25 -4.98
CA LEU C 193 38.79 22.80 -4.33
C LEU C 193 38.87 24.32 -4.34
N PRO C 194 37.74 25.01 -4.43
CA PRO C 194 37.79 26.47 -4.37
C PRO C 194 38.26 26.93 -3.00
N GLU C 195 39.05 28.01 -3.00
CA GLU C 195 39.62 28.49 -1.75
C GLU C 195 38.54 28.87 -0.74
N SER C 196 37.37 29.32 -1.21
CA SER C 196 36.25 29.64 -0.34
C SER C 196 35.82 28.48 0.55
N VAL C 197 36.22 27.25 0.24
CA VAL C 197 35.86 26.13 1.11
C VAL C 197 36.47 26.30 2.50
N LEU C 198 37.63 26.95 2.59
CA LEU C 198 38.24 27.12 3.90
C LEU C 198 37.57 28.21 4.74
N ARG C 199 36.74 29.05 4.12
CA ARG C 199 36.04 30.14 4.80
C ARG C 199 34.66 29.74 5.32
N LEU C 200 34.24 28.49 5.14
CA LEU C 200 32.94 28.07 5.67
C LEU C 200 32.98 28.02 7.20
N ALA C 201 31.81 27.96 7.81
CA ALA C 201 31.73 28.01 9.27
C ALA C 201 32.47 26.81 9.87
N GLN C 202 32.91 26.96 11.12
CA GLN C 202 33.67 25.89 11.78
C GLN C 202 32.81 24.64 11.98
N ASN C 203 31.51 24.82 12.13
CA ASN C 203 30.58 23.70 12.30
C ASN C 203 30.11 23.11 10.97
N ALA C 204 30.50 23.71 9.85
CA ALA C 204 30.08 23.23 8.54
C ALA C 204 30.78 21.92 8.24
N PHE C 205 30.18 21.15 7.33
CA PHE C 205 30.66 19.81 7.02
C PHE C 205 30.84 19.70 5.51
N VAL C 206 31.99 19.19 5.10
CA VAL C 206 32.32 19.04 3.69
C VAL C 206 32.90 17.65 3.49
N ASN C 207 32.32 16.86 2.58
CA ASN C 207 32.82 15.53 2.26
C ASN C 207 33.32 15.51 0.81
N VAL C 208 34.63 15.39 0.64
CA VAL C 208 35.24 15.36 -0.69
C VAL C 208 35.92 14.02 -0.98
N ALA C 209 35.57 12.98 -0.23
CA ALA C 209 36.15 11.66 -0.46
C ALA C 209 35.86 11.15 -1.86
N GLY C 210 36.78 10.37 -2.39
CA GLY C 210 36.64 9.80 -3.71
C GLY C 210 36.83 10.76 -4.88
N ASN C 211 37.44 11.90 -4.66
CA ASN C 211 37.84 12.77 -5.74
C ASN C 211 39.34 12.64 -5.90
N PRO C 212 39.85 12.67 -7.14
CA PRO C 212 41.32 12.58 -7.36
C PRO C 212 42.02 13.91 -7.09
N LEU C 213 41.93 14.38 -5.85
CA LEU C 213 42.55 15.64 -5.48
C LEU C 213 44.06 15.51 -5.64
N SER C 214 44.68 16.51 -6.25
CA SER C 214 46.12 16.44 -6.51
C SER C 214 46.92 16.49 -5.21
N GLY C 215 48.18 16.03 -5.33
CA GLY C 215 49.06 16.12 -4.19
C GLY C 215 49.20 17.54 -3.70
N HIS C 216 49.31 18.49 -4.64
CA HIS C 216 49.45 19.90 -4.28
C HIS C 216 48.20 20.41 -3.59
N THR C 217 47.02 20.02 -4.08
CA THR C 217 45.77 20.36 -3.41
C THR C 217 45.76 19.83 -1.98
N MET C 218 46.04 18.53 -1.82
CA MET C 218 46.04 17.95 -0.48
C MET C 218 47.00 18.69 0.44
N ARG C 219 48.20 18.98 -0.06
CA ARG C 219 49.17 19.70 0.76
C ARG C 219 48.68 21.11 1.03
N THR C 220 48.19 21.79 -0.02
CA THR C 220 47.65 23.14 0.15
C THR C 220 46.58 23.16 1.24
N LEU C 221 45.61 22.25 1.16
CA LEU C 221 44.50 22.27 2.11
C LEU C 221 44.96 21.86 3.51
N GLN C 222 45.75 20.78 3.59
CA GLN C 222 46.08 20.25 4.91
C GLN C 222 47.05 21.15 5.66
N GLN C 223 47.77 22.04 4.97
CA GLN C 223 48.54 23.06 5.69
C GLN C 223 47.63 23.90 6.57
N ILE C 224 46.42 24.22 6.09
CA ILE C 224 45.50 25.03 6.88
C ILE C 224 44.70 24.17 7.84
N THR C 225 44.16 23.05 7.35
CA THR C 225 43.21 22.31 8.18
C THR C 225 43.88 21.77 9.44
N THR C 226 45.20 21.57 9.40
CA THR C 226 45.97 21.15 10.57
C THR C 226 46.63 22.31 11.32
N GLY C 227 46.66 23.51 10.73
CA GLY C 227 47.23 24.68 11.38
C GLY C 227 46.52 25.09 12.65
N PRO C 228 47.23 25.82 13.52
CA PRO C 228 46.62 26.22 14.80
C PRO C 228 45.57 27.28 14.56
N ASP C 229 44.62 27.35 15.49
CA ASP C 229 43.51 28.30 15.41
C ASP C 229 42.61 28.03 14.20
N TYR C 230 42.73 26.86 13.57
CA TYR C 230 41.90 26.59 12.40
C TYR C 230 40.43 26.66 12.80
N SER C 231 39.68 27.47 12.09
CA SER C 231 38.27 27.67 12.37
C SER C 231 37.42 27.49 11.10
N GLY C 232 37.97 26.79 10.10
CA GLY C 232 37.21 26.47 8.93
C GLY C 232 36.42 25.19 9.13
N PRO C 233 35.73 24.74 8.09
CA PRO C 233 34.80 23.61 8.24
C PRO C 233 35.55 22.31 8.48
N ARG C 234 34.79 21.30 8.91
CA ARG C 234 35.36 19.96 8.95
C ARG C 234 35.32 19.40 7.53
N ILE C 235 36.50 19.06 6.98
CA ILE C 235 36.60 18.52 5.64
C ILE C 235 37.01 17.05 5.75
N PHE C 236 36.15 16.16 5.25
CA PHE C 236 36.41 14.72 5.20
C PHE C 236 37.00 14.37 3.85
N PHE C 237 38.27 13.90 3.83
CA PHE C 237 38.94 13.52 2.60
C PHE C 237 38.86 12.02 2.32
N SER C 238 38.51 11.21 3.31
CA SER C 238 38.47 9.76 3.14
C SER C 238 37.56 9.13 4.18
N ASP D 8 8.43 14.82 14.22
CA ASP D 8 9.87 15.03 14.02
C ASP D 8 10.60 15.23 15.33
N ILE D 9 11.78 14.64 15.41
CA ILE D 9 12.65 14.82 16.57
C ILE D 9 14.01 15.30 16.07
N ARG D 10 14.61 16.21 16.79
CA ARG D 10 15.98 16.65 16.50
C ARG D 10 16.94 15.79 17.31
N LEU D 11 17.79 15.05 16.60
CA LEU D 11 18.72 14.10 17.19
C LEU D 11 20.14 14.66 17.14
N TRP D 12 20.79 14.78 18.30
CA TRP D 12 22.18 15.22 18.43
C TRP D 12 23.09 14.03 18.23
N VAL D 13 23.99 14.12 17.25
CA VAL D 13 24.87 13.01 16.89
C VAL D 13 26.31 13.44 17.02
N SER D 14 27.08 12.71 17.82
CA SER D 14 28.53 12.86 17.86
C SER D 14 29.14 11.85 16.91
N VAL D 15 29.80 12.33 15.86
CA VAL D 15 30.40 11.48 14.84
C VAL D 15 31.87 11.30 15.20
N GLU D 16 32.31 10.03 15.26
CA GLU D 16 33.66 9.67 15.68
C GLU D 16 34.25 8.63 14.73
N ASP D 17 35.57 8.74 14.46
CA ASP D 17 36.21 7.75 13.61
C ASP D 17 37.04 6.81 14.48
N ALA D 18 37.87 5.97 13.86
CA ALA D 18 38.65 5.01 14.62
C ALA D 18 39.70 5.68 15.51
N GLN D 19 40.10 6.92 15.20
CA GLN D 19 41.10 7.60 16.02
C GLN D 19 40.46 8.50 17.09
N MET D 20 39.54 9.38 16.69
CA MET D 20 39.02 10.37 17.62
C MET D 20 37.68 10.89 17.12
N HIS D 21 37.12 11.85 17.86
CA HIS D 21 35.95 12.60 17.43
C HIS D 21 36.25 13.45 16.20
N THR D 22 35.23 13.63 15.35
CA THR D 22 35.41 14.46 14.17
C THR D 22 34.37 15.57 13.94
N VAL D 23 33.06 15.32 14.09
CA VAL D 23 32.07 16.36 13.80
C VAL D 23 30.79 16.06 14.57
N THR D 24 30.10 17.13 14.98
CA THR D 24 28.81 17.02 15.65
C THR D 24 27.72 17.46 14.68
N ILE D 25 26.69 16.64 14.49
CA ILE D 25 25.65 16.94 13.53
C ILE D 25 24.27 16.79 14.16
N TRP D 26 23.31 17.54 13.64
CA TRP D 26 21.92 17.45 14.05
C TRP D 26 21.13 16.83 12.91
N LEU D 27 20.38 15.78 13.23
CA LEU D 27 19.48 15.15 12.29
C LEU D 27 18.06 15.33 12.76
N THR D 28 17.13 15.36 11.80
CA THR D 28 15.70 15.37 12.10
C THR D 28 15.19 13.98 11.74
N VAL D 29 14.67 13.26 12.73
CA VAL D 29 14.28 11.88 12.59
C VAL D 29 12.86 11.69 13.14
N ARG D 30 12.28 10.55 12.79
CA ARG D 30 11.03 10.11 13.35
C ARG D 30 11.29 8.91 14.26
N PRO D 31 10.62 8.82 15.41
CA PRO D 31 10.97 7.77 16.37
C PRO D 31 10.71 6.36 15.85
N ASP D 32 9.82 6.18 14.87
CA ASP D 32 9.56 4.86 14.33
C ASP D 32 10.57 4.45 13.26
N MET D 33 11.50 5.34 12.91
CA MET D 33 12.54 5.05 11.93
C MET D 33 13.44 3.90 12.39
N THR D 34 13.80 3.03 11.44
CA THR D 34 14.78 2.00 11.74
C THR D 34 16.20 2.57 11.64
N VAL D 35 17.14 1.85 12.23
CA VAL D 35 18.55 2.18 12.11
C VAL D 35 19.01 2.04 10.67
N ALA D 36 18.45 1.07 9.94
CA ALA D 36 18.78 0.95 8.53
C ALA D 36 18.38 2.22 7.78
N SER D 37 17.17 2.72 8.05
CA SER D 37 16.72 3.95 7.42
C SER D 37 17.56 5.14 7.89
N LEU D 38 18.01 5.14 9.14
CA LEU D 38 18.87 6.21 9.61
C LEU D 38 20.19 6.21 8.85
N LYS D 39 20.79 5.02 8.66
CA LYS D 39 22.05 4.93 7.93
C LYS D 39 21.90 5.44 6.50
N ASP D 40 20.75 5.18 5.85
CA ASP D 40 20.50 5.67 4.49
C ASP D 40 20.39 7.18 4.45
N MET D 41 19.67 7.76 5.40
CA MET D 41 19.57 9.21 5.45
C MET D 41 20.94 9.85 5.63
N VAL D 42 21.78 9.27 6.50
CA VAL D 42 23.11 9.84 6.78
C VAL D 42 24.03 9.64 5.59
N PHE D 43 23.91 8.51 4.90
CA PHE D 43 24.64 8.29 3.65
C PHE D 43 24.32 9.38 2.64
N LEU D 44 23.02 9.65 2.43
CA LEU D 44 22.63 10.65 1.45
C LEU D 44 23.03 12.05 1.88
N ASP D 45 22.88 12.36 3.17
CA ASP D 45 23.09 13.71 3.64
C ASP D 45 24.56 14.00 3.95
N TYR D 46 25.36 12.99 4.25
CA TYR D 46 26.74 13.20 4.67
C TYR D 46 27.77 12.39 3.93
N GLY D 47 27.36 11.36 3.19
CA GLY D 47 28.28 10.53 2.44
C GLY D 47 28.91 9.35 3.18
N PHE D 48 28.50 9.07 4.41
CA PHE D 48 29.06 7.92 5.12
C PHE D 48 28.35 6.66 4.68
N PRO D 49 29.04 5.67 4.10
CA PRO D 49 28.37 4.44 3.63
C PRO D 49 27.76 3.66 4.79
N PRO D 50 26.54 3.15 4.64
CA PRO D 50 25.91 2.42 5.76
C PRO D 50 26.78 1.32 6.35
N VAL D 51 27.45 0.57 5.48
CA VAL D 51 28.30 -0.52 5.94
C VAL D 51 29.40 -0.02 6.89
N LEU D 52 29.73 1.27 6.85
CA LEU D 52 30.76 1.82 7.72
C LEU D 52 30.24 2.54 8.96
N GLN D 53 28.93 2.63 9.16
CA GLN D 53 28.36 3.34 10.31
C GLN D 53 28.08 2.38 11.47
N GLN D 54 28.51 2.75 12.67
CA GLN D 54 28.21 1.99 13.89
C GLN D 54 27.55 2.92 14.88
N TRP D 55 26.28 2.66 15.19
CA TRP D 55 25.47 3.53 16.03
C TRP D 55 25.38 2.97 17.44
N VAL D 56 25.70 3.80 18.43
CA VAL D 56 25.40 3.51 19.82
C VAL D 56 24.33 4.49 20.25
N ILE D 57 23.17 3.96 20.62
CA ILE D 57 22.02 4.77 20.97
C ILE D 57 21.54 4.26 22.31
N GLY D 58 21.95 4.92 23.38
CA GLY D 58 21.50 4.55 24.71
C GLY D 58 22.02 3.20 25.17
N GLN D 59 23.32 3.16 25.51
CA GLN D 59 23.98 2.04 26.16
C GLN D 59 24.08 0.79 25.29
N ARG D 60 23.46 0.78 24.11
CA ARG D 60 23.49 -0.39 23.24
C ARG D 60 24.03 -0.02 21.87
N LEU D 61 24.64 -1.00 21.21
CA LEU D 61 24.92 -0.93 19.78
C LEU D 61 23.62 -1.18 19.02
N ALA D 62 23.15 -0.19 18.27
CA ALA D 62 21.86 -0.31 17.59
C ALA D 62 21.98 -1.14 16.32
N ARG D 63 21.14 -2.13 16.17
CA ARG D 63 21.13 -2.97 14.99
C ARG D 63 20.14 -2.44 13.95
N ASP D 64 20.36 -2.81 12.68
CA ASP D 64 19.64 -2.17 11.57
C ASP D 64 18.13 -2.25 11.69
N GLN D 65 17.58 -3.40 12.14
CA GLN D 65 16.13 -3.51 12.04
C GLN D 65 15.40 -2.88 13.22
N GLU D 66 16.14 -2.48 14.24
CA GLU D 66 15.56 -1.84 15.43
C GLU D 66 15.15 -0.40 15.13
N THR D 67 14.14 0.07 15.85
CA THR D 67 13.68 1.44 15.71
C THR D 67 14.40 2.35 16.70
N LEU D 68 14.45 3.64 16.36
CA LEU D 68 14.98 4.62 17.30
C LEU D 68 14.16 4.65 18.58
N HIS D 69 12.83 4.53 18.44
CA HIS D 69 11.97 4.48 19.62
C HIS D 69 12.38 3.36 20.56
N SER D 70 12.66 2.18 20.01
CA SER D 70 13.08 1.05 20.85
C SER D 70 14.37 1.34 21.59
N HIS D 71 15.14 2.33 21.16
CA HIS D 71 16.38 2.71 21.82
C HIS D 71 16.24 3.98 22.66
N GLY D 72 15.01 4.41 22.95
CA GLY D 72 14.79 5.52 23.86
C GLY D 72 14.84 6.90 23.24
N VAL D 73 14.98 6.99 21.92
CA VAL D 73 14.91 8.27 21.22
C VAL D 73 13.45 8.68 21.11
N ARG D 74 13.02 9.67 21.89
CA ARG D 74 11.62 10.09 21.92
C ARG D 74 11.42 11.60 21.79
N GLN D 75 12.44 12.43 22.05
CA GLN D 75 12.32 13.89 22.12
C GLN D 75 13.60 14.57 21.66
N ASN D 76 13.44 15.83 21.22
CA ASN D 76 14.52 16.68 20.77
C ASN D 76 15.68 16.68 21.77
N GLY D 77 16.90 16.79 21.24
CA GLY D 77 18.05 16.80 22.12
C GLY D 77 18.47 15.45 22.62
N ASP D 78 17.74 14.38 22.28
CA ASP D 78 18.25 13.05 22.57
C ASP D 78 19.52 12.81 21.76
N SER D 79 20.39 11.98 22.30
CA SER D 79 21.73 11.87 21.75
C SER D 79 21.98 10.49 21.17
N ALA D 80 22.89 10.45 20.21
CA ALA D 80 23.45 9.21 19.68
C ALA D 80 24.91 9.47 19.35
N TYR D 81 25.70 8.42 19.38
CA TYR D 81 27.07 8.46 18.91
C TYR D 81 27.13 7.66 17.62
N LEU D 82 27.80 8.21 16.61
CA LEU D 82 28.01 7.50 15.35
C LEU D 82 29.51 7.29 15.20
N TYR D 83 29.93 6.05 15.01
CA TYR D 83 31.33 5.72 14.83
C TYR D 83 31.59 5.29 13.40
N LEU D 84 32.61 5.93 12.82
CA LEU D 84 33.03 5.84 11.43
C LEU D 84 31.99 6.42 10.48
#